data_3SLQ
#
_entry.id   3SLQ
#
_cell.length_a   34.876
_cell.length_b   48.390
_cell.length_c   228.630
_cell.angle_alpha   90.00
_cell.angle_beta   90.00
_cell.angle_gamma   90.00
#
_symmetry.space_group_name_H-M   'P 21 21 21'
#
loop_
_entity.id
_entity.type
_entity.pdbx_description
1 polymer 'RNA (68-MER)'
2 non-polymer "GUANOSINE-5'-MONOPHOSPHATE"
3 non-polymer 'SULFATE ION'
4 non-polymer 'SUCCINIC ACID'
5 water water
#
_entity_poly.entity_id   1
_entity_poly.type   'polyribonucleotide'
_entity_poly.pdbx_seq_one_letter_code
;(GTP)GCCUUAUACAGGGUAGCAUAAUGGGCUACUGACCCCGCCUUCAAACCUAUUUGGAGACUAUAAGGU(CCC)
;
_entity_poly.pdbx_strand_id   A,B
#
loop_
_chem_comp.id
_chem_comp.type
_chem_comp.name
_chem_comp.formula
5GP non-polymer GUANOSINE-5'-MONOPHOSPHATE 'C10 H14 N5 O8 P'
A RNA linking ADENOSINE-5'-MONOPHOSPHATE 'C10 H14 N5 O7 P'
C RNA linking CYTIDINE-5'-MONOPHOSPHATE 'C9 H14 N3 O8 P'
CCC RNA linking 'CYTIDINE-5'-PHOSPHATE-2',3'-CYCLIC PHOSPHATE' 'C9 H13 N3 O10 P2'
G RNA linking GUANOSINE-5'-MONOPHOSPHATE 'C10 H14 N5 O8 P'
GTP non-polymer GUANOSINE-5'-TRIPHOSPHATE 'C10 H16 N5 O14 P3'
SIN non-polymer 'SUCCINIC ACID' 'C4 H6 O4'
SO4 non-polymer 'SULFATE ION' 'O4 S -2'
U RNA linking URIDINE-5'-MONOPHOSPHATE 'C9 H13 N2 O9 P'
#
# COMPACT_ATOMS: atom_id res chain seq x y z
PG GTP A 1 -1.23 -26.68 -44.47
O1G GTP A 1 -0.37 -27.04 -45.68
O2G GTP A 1 -2.11 -25.47 -44.79
O3G GTP A 1 -0.35 -26.34 -43.28
O3B GTP A 1 -2.16 -27.94 -44.13
PB GTP A 1 -3.49 -28.17 -45.02
O1B GTP A 1 -3.96 -29.58 -44.75
O2B GTP A 1 -3.23 -27.95 -46.48
O3A GTP A 1 -4.57 -27.09 -44.46
PA GTP A 1 -4.69 -26.86 -42.88
O1A GTP A 1 -4.05 -25.53 -42.52
O2A GTP A 1 -4.02 -28.01 -42.17
O5' GTP A 1 -6.27 -26.83 -42.59
C5' GTP A 1 -7.12 -25.98 -43.30
C4' GTP A 1 -8.57 -26.47 -43.22
O4' GTP A 1 -8.78 -27.35 -44.30
C3' GTP A 1 -8.90 -27.33 -42.02
O3' GTP A 1 -9.22 -26.61 -40.85
C2' GTP A 1 -10.06 -28.21 -42.49
O2' GTP A 1 -11.30 -27.51 -42.49
C1' GTP A 1 -9.57 -28.46 -43.92
N9 GTP A 1 -8.68 -29.64 -43.81
C8 GTP A 1 -7.33 -29.65 -44.02
N7 GTP A 1 -6.87 -30.91 -43.78
C5 GTP A 1 -7.91 -31.70 -43.41
C6 GTP A 1 -8.00 -33.04 -43.06
O6 GTP A 1 -7.00 -33.75 -43.06
N1 GTP A 1 -9.23 -33.56 -42.72
C2 GTP A 1 -10.35 -32.78 -42.73
N2 GTP A 1 -11.54 -33.30 -42.41
N3 GTP A 1 -10.25 -31.45 -43.08
C4 GTP A 1 -9.05 -30.91 -43.41
PC CCC A 68 -15.37 -39.28 -43.64
O1C CCC A 68 -16.30 -39.15 -44.82
O2C CCC A 68 -16.09 -38.85 -42.38
P CCC A 68 -11.42 -43.76 -40.76
OP1 CCC A 68 -12.64 -44.64 -40.89
OP2 CCC A 68 -10.12 -44.17 -41.41
O5' CCC A 68 -11.87 -42.29 -41.25
C5' CCC A 68 -13.23 -41.99 -40.97
C4' CCC A 68 -13.56 -40.61 -41.48
O4' CCC A 68 -12.56 -39.71 -41.02
C3' CCC A 68 -13.50 -40.56 -43.00
O3' CCC A 68 -14.83 -40.76 -43.47
C2' CCC A 68 -13.02 -39.12 -43.26
O2' CCC A 68 -14.06 -38.37 -43.87
C1' CCC A 68 -12.49 -38.60 -41.91
N1 CCC A 68 -11.08 -38.22 -42.00
C2 CCC A 68 -10.74 -36.93 -42.08
O2 CCC A 68 -11.61 -36.08 -42.05
N3 CCC A 68 -9.45 -36.63 -42.17
C4 CCC A 68 -8.61 -37.66 -42.20
N4 CCC A 68 -7.30 -37.48 -42.29
C5 CCC A 68 -9.06 -38.84 -42.13
C6 CCC A 68 -10.23 -39.08 -42.03
PG GTP B 1 0.35 39.75 38.14
O1G GTP B 1 0.07 38.71 39.21
O2G GTP B 1 -0.74 40.81 38.13
O3G GTP B 1 0.43 39.11 36.76
O3B GTP B 1 1.73 40.47 38.52
PB GTP B 1 3.02 39.68 39.10
O1B GTP B 1 2.57 38.57 40.04
O2B GTP B 1 3.87 40.72 39.82
O3A GTP B 1 3.80 39.08 37.80
PA GTP B 1 4.09 37.50 37.64
O1A GTP B 1 3.58 37.03 36.28
O2A GTP B 1 3.47 36.73 38.80
O5' GTP B 1 5.69 37.34 37.67
C5' GTP B 1 6.51 38.31 37.07
C4' GTP B 1 7.96 38.14 37.51
O4' GTP B 1 8.11 38.88 38.70
C3' GTP B 1 8.36 36.72 37.90
O3' GTP B 1 8.85 35.92 36.83
C2' GTP B 1 9.45 36.92 38.95
O2' GTP B 1 10.66 37.24 38.30
C1' GTP B 1 8.90 38.18 39.63
N9 GTP B 1 8.06 37.72 40.75
C8 GTP B 1 6.69 37.81 40.81
N7 GTP B 1 6.27 37.26 41.96
C5 GTP B 1 7.34 36.84 42.66
C6 GTP B 1 7.47 36.22 43.90
O6 GTP B 1 6.46 35.99 44.57
N1 GTP B 1 8.70 35.89 44.38
C2 GTP B 1 9.82 36.16 43.62
N2 GTP B 1 11.02 35.85 44.06
N3 GTP B 1 9.69 36.77 42.38
C4 GTP B 1 8.46 37.11 41.90
PC CCC B 68 14.72 35.57 49.99
O1C CCC B 68 15.26 36.94 50.33
O2C CCC B 68 15.80 34.78 49.31
P CCC B 68 10.80 31.29 53.98
OP1 CCC B 68 11.41 31.03 55.32
OP2 CCC B 68 9.65 32.26 53.81
O5' CCC B 68 11.97 31.76 52.99
C5' CCC B 68 11.65 32.94 52.30
C4' CCC B 68 12.56 33.14 51.12
O4' CCC B 68 11.80 32.80 49.95
C3' CCC B 68 12.84 34.63 51.11
O3' CCC B 68 14.24 34.81 51.29
C2' CCC B 68 12.36 35.14 49.77
O2' CCC B 68 13.43 35.72 49.05
C1' CCC B 68 11.76 33.93 49.06
N1 CCC B 68 10.39 34.14 48.60
C2 CCC B 68 10.22 34.54 47.34
O2 CCC B 68 11.19 34.69 46.62
N3 CCC B 68 9.00 34.74 46.89
C4 CCC B 68 8.02 34.55 47.75
N4 CCC B 68 6.76 34.75 47.35
C5 CCC B 68 8.30 34.18 48.94
C6 CCC B 68 9.42 33.99 49.32
P 5GP C . 6.14 -23.12 -30.73
O1P 5GP C . 5.32 -24.18 -30.04
O2P 5GP C . 7.60 -23.46 -30.89
O3P 5GP C . 5.52 -22.53 -31.98
O5' 5GP C . 6.12 -21.89 -29.71
C5' 5GP C . 4.94 -21.44 -29.06
C4' 5GP C . 5.29 -20.15 -28.32
O4' 5GP C . 4.14 -19.58 -27.69
C3' 5GP C . 6.27 -20.37 -27.20
O3' 5GP C . 7.60 -20.34 -27.72
C2' 5GP C . 5.96 -19.24 -26.24
O2' 5GP C . 6.59 -18.03 -26.68
C1' 5GP C . 4.46 -19.07 -26.39
N9 5GP C . 3.78 -19.91 -25.39
C8 5GP C . 4.41 -20.68 -24.48
N7 5GP C . 3.46 -21.31 -23.76
C5 5GP C . 2.25 -20.94 -24.22
C6 5GP C . 0.96 -21.28 -23.86
O6 5GP C . 0.74 -22.07 -22.93
N1 5GP C . -0.07 -20.74 -24.53
C2 5GP C . 0.16 -19.87 -25.54
N2 5GP C . -0.88 -19.35 -26.19
N3 5GP C . 1.41 -19.54 -25.89
C4 5GP C . 2.46 -20.06 -25.25
S SO4 D . -4.37 -30.70 -36.46
O1 SO4 D . -5.49 -30.81 -37.39
O2 SO4 D . -3.28 -31.64 -36.78
O3 SO4 D . -4.86 -30.97 -35.11
O4 SO4 D . -3.85 -29.32 -36.54
S SO4 E . -4.74 -18.01 -7.21
O1 SO4 E . -5.75 -19.01 -7.54
O2 SO4 E . -5.24 -17.12 -6.13
O3 SO4 E . -4.41 -17.19 -8.39
O4 SO4 E . -3.53 -18.71 -6.76
S SO4 F . 7.21 -0.60 -7.23
O1 SO4 F . 6.41 -1.84 -7.29
O2 SO4 F . 6.38 0.54 -6.79
O3 SO4 F . 7.76 -0.30 -8.56
O4 SO4 F . 8.32 -0.79 -6.29
S SO4 G . -5.38 -15.96 4.26
O1 SO4 G . -5.90 -14.61 4.56
O2 SO4 G . -4.88 -16.58 5.49
O3 SO4 G . -4.30 -15.84 3.28
O4 SO4 G . -6.44 -16.80 3.68
C1 SIN H . -4.58 -14.76 -35.48
O1 SIN H . -4.64 -13.50 -35.50
O2 SIN H . -5.64 -15.42 -35.35
C2 SIN H . -3.25 -15.48 -35.59
C3 SIN H . -2.66 -15.20 -36.97
P 5GP I . -4.78 25.52 30.82
O1P 5GP I . -3.40 25.34 31.41
O2P 5GP I . -5.95 25.30 31.75
O3P 5GP I . -4.94 26.77 29.96
O5' 5GP I . -4.94 24.23 29.83
C5' 5GP I . -3.86 23.39 29.43
C4' 5GP I . -3.70 23.41 27.91
O4' 5GP I . -2.33 23.22 27.51
C3' 5GP I . -4.50 22.36 27.17
O3' 5GP I . -5.78 22.91 26.83
C2' 5GP I . -3.67 22.09 25.92
O2' 5GP I . -3.93 23.08 24.92
C1' 5GP I . -2.24 22.33 26.38
N9 5GP I . -1.59 21.12 26.89
C8 5GP I . -2.15 20.01 27.37
N7 5GP I . -1.17 19.15 27.75
C5 5GP I . 0.01 19.75 27.49
C6 5GP I . 1.34 19.38 27.64
O6 5GP I . 1.63 18.26 28.14
N1 5GP I . 2.32 20.22 27.26
C2 5GP I . 2.02 21.43 26.73
N2 5GP I . 3.02 22.25 26.37
N3 5GP I . 0.73 21.81 26.57
C4 5GP I . -0.27 20.99 26.94
S SO4 J . 4.68 30.19 39.79
O1 SO4 J . 3.60 30.88 40.51
O2 SO4 J . 5.98 30.67 40.27
O3 SO4 J . 4.55 30.45 38.35
O4 SO4 J . 4.57 28.74 40.03
S SO4 K . 7.74 3.17 21.45
O1 SO4 K . 6.40 2.83 20.93
O2 SO4 K . 7.72 4.48 22.08
O3 SO4 K . 8.70 3.13 20.35
O4 SO4 K . 8.15 2.18 22.45
S SO4 L . -3.27 8.36 3.58
O1 SO4 L . -3.35 6.89 3.58
O2 SO4 L . -2.90 8.78 4.94
O3 SO4 L . -4.58 8.95 3.25
O4 SO4 L . -2.28 8.82 2.59
#